data_4BBA
#
_entry.id   4BBA
#
_cell.length_a   60.760
_cell.length_b   72.200
_cell.length_c   137.960
_cell.angle_alpha   90.00
_cell.angle_beta   90.00
_cell.angle_gamma   90.00
#
_symmetry.space_group_name_H-M   'P 21 21 21'
#
loop_
_entity.id
_entity.type
_entity.pdbx_description
1 polymer 'GLUCOKINASE REGULATORY PROTEIN'
2 non-polymer 'PHOSPHATE ION'
3 water water
#
_entity_poly.entity_id   1
_entity_poly.type   'polypeptide(L)'
_entity_poly.pdbx_seq_one_letter_code
;MPGTKRFQHVIETPEPGKWELSGYEAAVPITEKSNPLTQDLDKADAENIVRLLGQCDAEIFQEEGQALSTYQRLYSESIL
TTMVQVAGKVQEVLKEPDGGLVVLSGGGTSGRMAFLMSVSFNQLMKGLGQKPLYTYLIAGGDRSVVASREGTEDSALHGI
EELKKVAAGKKRVIVIGISVGLSAPFVAGQMDCCMNNTAVFLPVLVGFNPVSMARNDPIEDWSSTFRQVAERMQKMQEKQ
KAFVLNPAIGPEGLSGSSRMKGGSATKILLETLLLAAHKTVDQGIAASQRCLLEILRTFERAHQVTYSQSPKIATLMKSV
STSLETTGHVYLVGWQTLGIIAIMDGVECIHTFGADFRDVRGFLIGDHSDMFNQKAELTNQGPQFTFSQEDFLTSILPSL
TEIDTVVFIFTLDDNLTEVQTIVEQVKEKTNHIQALAHSTVGQTLPIPLKKLFPSIISITWPLLFFEYEGNFIQKFQREL
STKWVLNTVSTGAHVLLGKILQNHMLDLRISNSKLFWRALAMLQRFSGQSKARCIESLLRAIHFPQPLSDDIRAAPISCH
VQVAHEKEQVIPIALLSLLFRCSITEAQAHLAAAPSVCEAVRSALAGPGQKRTADPLEILEPDVQLEHHHHHH
;
_entity_poly.pdbx_strand_id   A
#
# COMPACT_ATOMS: atom_id res chain seq x y z
N ARG A 6 -21.18 2.98 -19.37
CA ARG A 6 -20.43 2.48 -18.21
C ARG A 6 -19.09 1.86 -18.62
N PHE A 7 -19.07 1.18 -19.78
CA PHE A 7 -17.90 0.45 -20.28
C PHE A 7 -17.21 1.05 -21.53
N GLN A 8 -17.60 2.28 -21.94
CA GLN A 8 -17.06 2.98 -23.13
C GLN A 8 -15.52 3.09 -23.17
N HIS A 9 -14.87 3.39 -22.03
CA HIS A 9 -13.42 3.54 -21.95
C HIS A 9 -12.65 2.21 -22.13
N VAL A 10 -13.33 1.05 -21.95
CA VAL A 10 -12.73 -0.28 -22.09
C VAL A 10 -12.38 -0.55 -23.55
N ILE A 11 -11.10 -0.82 -23.82
CA ILE A 11 -10.60 -1.11 -25.17
C ILE A 11 -10.88 -2.57 -25.50
N GLU A 12 -11.25 -2.84 -26.76
CA GLU A 12 -11.52 -4.19 -27.25
C GLU A 12 -10.29 -5.08 -27.07
N THR A 13 -10.51 -6.36 -26.79
CA THR A 13 -9.45 -7.34 -26.63
C THR A 13 -8.73 -7.48 -27.98
N PRO A 14 -7.38 -7.40 -28.02
CA PRO A 14 -6.69 -7.59 -29.31
C PRO A 14 -6.88 -9.01 -29.83
N GLU A 15 -6.86 -9.18 -31.17
CA GLU A 15 -7.01 -10.47 -31.85
C GLU A 15 -5.84 -11.42 -31.49
N PRO A 16 -5.99 -12.76 -31.58
CA PRO A 16 -4.87 -13.65 -31.19
C PRO A 16 -3.56 -13.37 -31.95
N GLY A 17 -2.49 -13.16 -31.18
CA GLY A 17 -1.16 -12.85 -31.70
C GLY A 17 -0.89 -11.37 -31.95
N LYS A 18 -1.95 -10.54 -31.90
CA LYS A 18 -1.89 -9.10 -32.17
C LYS A 18 -1.84 -8.22 -30.89
N TRP A 19 -1.34 -8.80 -29.77
CA TRP A 19 -1.22 -8.11 -28.48
C TRP A 19 -0.03 -7.15 -28.40
N GLU A 20 1.14 -7.60 -28.90
CA GLU A 20 2.44 -6.92 -28.92
C GLU A 20 2.42 -5.39 -29.08
N LEU A 21 1.85 -4.91 -30.20
CA LEU A 21 1.79 -3.49 -30.52
C LEU A 21 0.37 -2.93 -30.49
N SER A 22 -0.53 -3.59 -29.74
CA SER A 22 -1.94 -3.18 -29.67
C SER A 22 -2.13 -1.88 -28.89
N GLY A 23 -3.18 -1.15 -29.25
CA GLY A 23 -3.58 0.06 -28.53
C GLY A 23 -4.01 -0.33 -27.12
N TYR A 24 -4.50 -1.59 -26.97
CA TYR A 24 -4.90 -2.15 -25.67
C TYR A 24 -3.71 -2.11 -24.70
N GLU A 25 -2.57 -2.70 -25.12
CA GLU A 25 -1.36 -2.77 -24.30
C GLU A 25 -0.74 -1.41 -24.02
N ALA A 26 -0.76 -0.50 -25.00
CA ALA A 26 -0.24 0.86 -24.88
C ALA A 26 -0.98 1.69 -23.81
N ALA A 27 -2.28 1.38 -23.59
CA ALA A 27 -3.14 2.10 -22.64
C ALA A 27 -3.07 1.59 -21.20
N VAL A 28 -2.42 0.44 -20.97
CA VAL A 28 -2.30 -0.12 -19.62
C VAL A 28 -1.40 0.82 -18.80
N PRO A 29 -1.88 1.43 -17.69
CA PRO A 29 -1.01 2.31 -16.89
C PRO A 29 0.20 1.54 -16.35
N ILE A 30 1.36 2.20 -16.24
CA ILE A 30 2.59 1.59 -15.70
C ILE A 30 2.30 0.85 -14.38
N THR A 31 1.52 1.49 -13.48
CA THR A 31 1.16 0.90 -12.18
C THR A 31 0.39 -0.42 -12.28
N GLU A 32 -0.29 -0.66 -13.42
CA GLU A 32 -1.10 -1.86 -13.68
C GLU A 32 -0.37 -2.89 -14.56
N LYS A 33 0.74 -2.48 -15.19
CA LYS A 33 1.51 -3.34 -16.10
C LYS A 33 2.14 -4.56 -15.41
N SER A 34 2.36 -5.62 -16.20
CA SER A 34 3.04 -6.82 -15.77
C SER A 34 4.54 -6.51 -15.83
N ASN A 35 5.26 -6.81 -14.75
CA ASN A 35 6.70 -6.57 -14.72
C ASN A 35 7.37 -7.66 -15.58
N PRO A 36 8.20 -7.28 -16.59
CA PRO A 36 8.82 -8.31 -17.44
C PRO A 36 9.75 -9.28 -16.71
N LEU A 37 10.19 -8.91 -15.49
CA LEU A 37 11.11 -9.74 -14.72
C LEU A 37 10.41 -10.72 -13.78
N THR A 38 9.09 -10.59 -13.59
CA THR A 38 8.39 -11.46 -12.64
C THR A 38 7.27 -12.31 -13.24
N GLN A 39 7.31 -12.59 -14.55
CA GLN A 39 6.27 -13.40 -15.22
C GLN A 39 6.18 -14.83 -14.68
N ASP A 40 7.24 -15.30 -14.01
CA ASP A 40 7.40 -16.63 -13.42
C ASP A 40 7.16 -16.63 -11.90
N LEU A 41 6.63 -15.53 -11.36
CA LEU A 41 6.39 -15.40 -9.92
C LEU A 41 5.49 -16.51 -9.36
N ASP A 42 4.40 -16.86 -10.08
CA ASP A 42 3.42 -17.87 -9.63
C ASP A 42 4.00 -19.21 -9.21
N LYS A 43 5.00 -19.69 -9.94
CA LYS A 43 5.60 -21.00 -9.67
C LYS A 43 6.99 -20.96 -9.02
N ALA A 44 7.48 -19.76 -8.65
CA ALA A 44 8.79 -19.59 -8.01
C ALA A 44 8.77 -20.14 -6.57
N ASP A 45 9.88 -20.75 -6.13
CA ASP A 45 9.96 -21.23 -4.74
C ASP A 45 10.22 -20.03 -3.81
N ALA A 46 10.21 -20.21 -2.48
CA ALA A 46 10.39 -19.10 -1.52
C ALA A 46 11.64 -18.23 -1.77
N GLU A 47 12.81 -18.88 -1.99
CA GLU A 47 14.08 -18.19 -2.24
C GLU A 47 14.02 -17.36 -3.52
N ASN A 48 13.39 -17.91 -4.59
CA ASN A 48 13.22 -17.21 -5.86
C ASN A 48 12.23 -16.05 -5.75
N ILE A 49 11.16 -16.20 -4.94
CA ILE A 49 10.21 -15.10 -4.70
C ILE A 49 10.93 -13.92 -4.04
N VAL A 50 11.79 -14.20 -3.04
CA VAL A 50 12.57 -13.15 -2.36
C VAL A 50 13.45 -12.40 -3.37
N ARG A 51 14.12 -13.14 -4.27
CA ARG A 51 14.97 -12.53 -5.29
C ARG A 51 14.16 -11.69 -6.28
N LEU A 52 12.99 -12.18 -6.67
CA LEU A 52 12.11 -11.44 -7.60
C LEU A 52 11.58 -10.16 -6.97
N LEU A 53 11.02 -10.27 -5.75
CA LEU A 53 10.45 -9.13 -5.04
C LEU A 53 11.51 -8.13 -4.60
N GLY A 54 12.68 -8.64 -4.19
CA GLY A 54 13.82 -7.82 -3.81
C GLY A 54 14.31 -6.99 -4.99
N GLN A 55 14.36 -7.61 -6.19
CA GLN A 55 14.76 -6.93 -7.42
C GLN A 55 13.79 -5.79 -7.72
N CYS A 56 12.46 -6.06 -7.59
CA CYS A 56 11.43 -5.05 -7.83
C CYS A 56 11.51 -3.90 -6.87
N ASP A 57 11.75 -4.20 -5.58
CA ASP A 57 11.90 -3.17 -4.55
C ASP A 57 13.09 -2.26 -4.85
N ALA A 58 14.18 -2.82 -5.41
CA ALA A 58 15.39 -2.06 -5.76
C ALA A 58 15.14 -1.07 -6.90
N GLU A 59 14.16 -1.38 -7.78
CA GLU A 59 13.82 -0.58 -8.96
C GLU A 59 13.41 0.87 -8.68
N ILE A 60 12.84 1.15 -7.50
CA ILE A 60 12.43 2.53 -7.16
C ILE A 60 13.63 3.51 -7.13
N PHE A 61 14.82 2.99 -6.78
CA PHE A 61 16.06 3.78 -6.66
C PHE A 61 16.83 3.87 -7.95
N GLN A 62 16.58 2.95 -8.89
CA GLN A 62 17.32 2.87 -10.16
C GLN A 62 17.20 4.12 -11.00
N GLU A 63 18.34 4.77 -11.25
CA GLU A 63 18.46 6.02 -12.01
C GLU A 63 18.30 5.76 -13.50
N SER A 69 17.63 5.00 -19.73
CA SER A 69 17.00 6.32 -19.67
C SER A 69 16.85 6.83 -18.23
N THR A 70 17.22 8.09 -17.99
CA THR A 70 17.13 8.72 -16.67
C THR A 70 15.83 9.50 -16.48
N TYR A 71 14.99 9.58 -17.55
CA TYR A 71 13.75 10.35 -17.61
C TYR A 71 12.75 10.10 -16.48
N GLN A 72 12.46 11.17 -15.71
CA GLN A 72 11.50 11.21 -14.60
C GLN A 72 11.70 10.20 -13.48
N ARG A 73 12.90 9.60 -13.37
CA ARG A 73 13.15 8.65 -12.28
C ARG A 73 13.24 9.41 -10.95
N LEU A 74 13.19 8.71 -9.81
CA LEU A 74 13.23 9.35 -8.50
C LEU A 74 14.47 10.25 -8.32
N TYR A 75 15.63 9.84 -8.87
CA TYR A 75 16.89 10.57 -8.77
C TYR A 75 17.07 11.66 -9.85
N SER A 76 16.12 11.78 -10.80
CA SER A 76 16.21 12.76 -11.88
C SER A 76 16.16 14.18 -11.35
N GLU A 77 16.83 15.11 -12.06
CA GLU A 77 16.87 16.53 -11.74
C GLU A 77 15.46 17.11 -11.69
N SER A 78 14.58 16.70 -12.63
CA SER A 78 13.20 17.15 -12.72
C SER A 78 12.40 16.83 -11.44
N ILE A 79 12.47 15.57 -10.96
CA ILE A 79 11.78 15.12 -9.74
C ILE A 79 12.35 15.81 -8.50
N LEU A 80 13.68 15.84 -8.36
CA LEU A 80 14.34 16.48 -7.22
C LEU A 80 14.01 17.97 -7.15
N THR A 81 13.92 18.65 -8.30
CA THR A 81 13.53 20.07 -8.37
C THR A 81 12.11 20.24 -7.87
N THR A 82 11.18 19.34 -8.28
CA THR A 82 9.79 19.39 -7.81
C THR A 82 9.73 19.20 -6.29
N MET A 83 10.54 18.27 -5.76
CA MET A 83 10.63 18.00 -4.32
C MET A 83 11.12 19.25 -3.58
N VAL A 84 12.13 19.96 -4.15
CA VAL A 84 12.69 21.22 -3.60
C VAL A 84 11.57 22.26 -3.54
N GLN A 85 10.80 22.43 -4.63
CA GLN A 85 9.69 23.40 -4.70
C GLN A 85 8.57 23.09 -3.69
N VAL A 86 8.21 21.80 -3.54
CA VAL A 86 7.17 21.38 -2.59
C VAL A 86 7.68 21.63 -1.16
N ALA A 87 8.97 21.29 -0.88
CA ALA A 87 9.58 21.52 0.44
C ALA A 87 9.52 23.02 0.78
N GLY A 88 9.78 23.87 -0.22
CA GLY A 88 9.69 25.32 -0.11
C GLY A 88 8.32 25.78 0.34
N LYS A 89 7.26 25.19 -0.24
CA LYS A 89 5.85 25.48 0.12
C LYS A 89 5.49 24.98 1.51
N VAL A 90 5.97 23.78 1.89
CA VAL A 90 5.70 23.21 3.21
C VAL A 90 6.35 24.06 4.31
N GLN A 91 7.64 24.47 4.13
CA GLN A 91 8.34 25.28 5.14
C GLN A 91 7.68 26.66 5.38
N GLU A 92 6.97 27.19 4.36
CA GLU A 92 6.20 28.43 4.49
C GLU A 92 5.07 28.24 5.50
N VAL A 93 4.47 27.02 5.54
CA VAL A 93 3.38 26.67 6.49
C VAL A 93 3.96 26.40 7.88
N LEU A 94 5.08 25.65 7.95
CA LEU A 94 5.74 25.32 9.23
C LEU A 94 6.17 26.59 9.97
N LYS A 95 6.60 27.62 9.22
CA LYS A 95 7.02 28.95 9.73
C LYS A 95 5.83 29.75 10.28
N GLU A 96 4.61 29.50 9.77
CA GLU A 96 3.38 30.18 10.21
C GLU A 96 2.38 29.16 10.79
N PRO A 97 2.61 28.58 11.99
CA PRO A 97 1.67 27.57 12.50
C PRO A 97 0.24 28.05 12.73
N ASP A 98 0.04 29.35 13.06
CA ASP A 98 -1.29 29.92 13.27
C ASP A 98 -2.06 29.94 11.96
N GLY A 99 -3.08 29.10 11.88
CA GLY A 99 -3.91 28.94 10.70
C GLY A 99 -3.28 28.05 9.63
N GLY A 100 -2.18 27.40 9.96
CA GLY A 100 -1.47 26.52 9.05
C GLY A 100 -1.83 25.06 9.25
N LEU A 101 -1.77 24.28 8.16
CA LEU A 101 -2.08 22.85 8.23
C LEU A 101 -1.46 22.11 7.06
N VAL A 102 -0.91 20.92 7.33
CA VAL A 102 -0.39 20.04 6.30
C VAL A 102 -1.26 18.79 6.35
N VAL A 103 -2.00 18.52 5.27
CA VAL A 103 -2.90 17.38 5.15
C VAL A 103 -2.29 16.37 4.17
N LEU A 104 -2.22 15.10 4.58
CA LEU A 104 -1.80 13.98 3.72
C LEU A 104 -3.07 13.16 3.55
N SER A 105 -3.38 12.76 2.31
CA SER A 105 -4.62 12.06 2.02
C SER A 105 -4.48 10.93 1.01
N GLY A 106 -5.33 9.90 1.15
CA GLY A 106 -5.37 8.76 0.25
C GLY A 106 -6.35 7.68 0.65
N GLY A 107 -6.45 6.65 -0.18
CA GLY A 107 -7.25 5.46 0.07
C GLY A 107 -6.33 4.26 0.20
N GLY A 108 -6.75 3.24 0.95
CA GLY A 108 -5.96 2.03 1.13
C GLY A 108 -4.59 2.29 1.72
N THR A 109 -3.52 1.65 1.16
CA THR A 109 -2.13 1.82 1.63
C THR A 109 -1.68 3.29 1.50
N SER A 110 -2.15 4.00 0.46
CA SER A 110 -1.81 5.42 0.30
C SER A 110 -2.37 6.22 1.48
N GLY A 111 -3.59 5.86 1.90
CA GLY A 111 -4.23 6.48 3.08
C GLY A 111 -3.51 6.09 4.35
N ARG A 112 -3.02 4.83 4.43
CA ARG A 112 -2.29 4.38 5.62
C ARG A 112 -0.89 5.02 5.68
N MET A 113 -0.30 5.34 4.50
CA MET A 113 0.98 6.05 4.41
C MET A 113 0.79 7.50 4.88
N ALA A 114 -0.35 8.14 4.48
CA ALA A 114 -0.73 9.49 4.92
C ALA A 114 -0.83 9.51 6.45
N PHE A 115 -1.47 8.46 7.03
CA PHE A 115 -1.60 8.27 8.47
C PHE A 115 -0.20 8.20 9.10
N LEU A 116 0.65 7.29 8.59
CA LEU A 116 2.02 7.13 9.10
C LEU A 116 2.83 8.42 9.02
N MET A 117 2.79 9.13 7.87
CA MET A 117 3.50 10.40 7.67
C MET A 117 3.08 11.41 8.73
N SER A 118 1.76 11.55 8.99
CA SER A 118 1.26 12.49 10.00
C SER A 118 1.76 12.13 11.40
N VAL A 119 1.78 10.83 11.74
CA VAL A 119 2.26 10.31 13.03
C VAL A 119 3.73 10.68 13.19
N SER A 120 4.56 10.34 12.20
CA SER A 120 5.99 10.60 12.21
C SER A 120 6.33 12.08 12.31
N PHE A 121 5.72 12.91 11.47
CA PHE A 121 6.01 14.34 11.46
C PHE A 121 5.45 15.12 12.62
N ASN A 122 4.31 14.70 13.19
CA ASN A 122 3.81 15.35 14.41
C ASN A 122 4.71 14.98 15.58
N GLN A 123 5.27 13.74 15.57
CA GLN A 123 6.21 13.28 16.61
C GLN A 123 7.49 14.11 16.52
N LEU A 124 8.01 14.35 15.30
CA LEU A 124 9.21 15.17 15.06
C LEU A 124 8.97 16.58 15.66
N MET A 125 7.80 17.17 15.37
CA MET A 125 7.41 18.50 15.84
C MET A 125 7.25 18.55 17.36
N LYS A 126 6.59 17.53 17.95
CA LYS A 126 6.39 17.43 19.41
C LYS A 126 7.74 17.34 20.13
N GLY A 127 8.66 16.54 19.59
CA GLY A 127 10.01 16.35 20.10
C GLY A 127 10.84 17.62 20.15
N LEU A 128 10.54 18.56 19.24
CA LEU A 128 11.18 19.86 19.17
C LEU A 128 10.38 20.96 19.90
N GLY A 129 9.33 20.54 20.61
CA GLY A 129 8.46 21.42 21.38
C GLY A 129 7.60 22.35 20.56
N GLN A 130 7.26 21.94 19.34
CA GLN A 130 6.44 22.73 18.42
C GLN A 130 5.03 22.15 18.37
N LYS A 131 4.03 23.00 18.11
CA LYS A 131 2.65 22.56 17.98
C LYS A 131 2.54 21.65 16.71
N PRO A 132 1.94 20.45 16.83
CA PRO A 132 1.81 19.57 15.63
C PRO A 132 0.94 20.21 14.53
N LEU A 133 1.39 20.17 13.27
CA LEU A 133 0.67 20.78 12.14
C LEU A 133 0.17 19.79 11.09
N TYR A 134 0.42 18.49 11.29
CA TYR A 134 0.01 17.46 10.33
C TYR A 134 -1.28 16.76 10.70
N THR A 135 -2.04 16.39 9.67
CA THR A 135 -3.23 15.56 9.82
C THR A 135 -3.32 14.64 8.62
N TYR A 136 -4.13 13.60 8.72
CA TYR A 136 -4.30 12.66 7.63
C TYR A 136 -5.77 12.54 7.31
N LEU A 137 -6.08 12.20 6.06
CA LEU A 137 -7.43 11.89 5.62
C LEU A 137 -7.36 10.55 4.92
N ILE A 138 -8.08 9.58 5.42
CA ILE A 138 -8.09 8.26 4.79
C ILE A 138 -9.52 7.95 4.40
N ALA A 139 -9.72 7.53 3.14
CA ALA A 139 -11.06 7.16 2.67
C ALA A 139 -11.64 6.09 3.61
N GLY A 140 -12.83 6.36 4.12
CA GLY A 140 -13.53 5.47 5.05
C GLY A 140 -13.32 5.75 6.52
N GLY A 141 -12.46 6.74 6.81
CA GLY A 141 -12.15 7.13 8.18
C GLY A 141 -11.20 6.18 8.87
N ASP A 142 -11.10 6.28 10.21
CA ASP A 142 -10.18 5.48 11.03
C ASP A 142 -10.27 3.97 10.90
N ARG A 143 -11.47 3.41 10.63
CA ARG A 143 -11.66 1.97 10.44
C ARG A 143 -10.80 1.45 9.28
N SER A 144 -10.57 2.31 8.26
CA SER A 144 -9.76 1.97 7.08
C SER A 144 -8.28 1.81 7.39
N VAL A 145 -7.81 2.37 8.51
CA VAL A 145 -6.41 2.22 8.90
C VAL A 145 -6.14 0.73 9.25
N VAL A 146 -7.13 0.05 9.85
CA VAL A 146 -6.99 -1.35 10.31
C VAL A 146 -7.83 -2.40 9.58
N ALA A 147 -8.76 -1.99 8.71
CA ALA A 147 -9.63 -2.89 7.99
C ALA A 147 -9.71 -2.57 6.50
N SER A 148 -10.12 -3.58 5.71
CA SER A 148 -10.25 -3.51 4.26
C SER A 148 -11.58 -2.83 3.92
N ARG A 149 -11.51 -1.55 3.51
CA ARG A 149 -12.69 -0.74 3.18
C ARG A 149 -12.36 0.05 1.91
N GLU A 150 -11.83 -0.66 0.89
CA GLU A 150 -11.37 -0.11 -0.39
C GLU A 150 -12.40 0.71 -1.15
N GLY A 151 -13.66 0.30 -1.08
CA GLY A 151 -14.78 0.94 -1.78
C GLY A 151 -15.04 2.37 -1.39
N THR A 152 -14.62 2.76 -0.18
CA THR A 152 -14.81 4.12 0.34
C THR A 152 -14.06 5.20 -0.45
N GLU A 153 -12.97 4.84 -1.14
CA GLU A 153 -12.21 5.81 -1.94
C GLU A 153 -12.94 6.19 -3.25
N ASP A 154 -13.99 5.44 -3.63
CA ASP A 154 -14.71 5.69 -4.88
C ASP A 154 -15.59 6.93 -4.90
N SER A 155 -15.66 7.67 -3.79
CA SER A 155 -16.47 8.89 -3.69
C SER A 155 -15.59 10.13 -3.60
N ALA A 156 -15.66 11.01 -4.63
CA ALA A 156 -14.93 12.28 -4.62
C ALA A 156 -15.54 13.23 -3.59
N LEU A 157 -16.88 13.18 -3.41
CA LEU A 157 -17.58 14.01 -2.44
C LEU A 157 -17.14 13.70 -1.02
N HIS A 158 -16.91 12.42 -0.71
CA HIS A 158 -16.40 11.97 0.59
C HIS A 158 -15.02 12.65 0.84
N GLY A 159 -14.17 12.66 -0.20
CA GLY A 159 -12.85 13.31 -0.14
C GLY A 159 -12.94 14.79 0.17
N ILE A 160 -13.81 15.49 -0.54
CA ILE A 160 -14.04 16.93 -0.39
C ILE A 160 -14.60 17.27 0.99
N GLU A 161 -15.60 16.50 1.46
CA GLU A 161 -16.22 16.73 2.77
C GLU A 161 -15.22 16.61 3.90
N GLU A 162 -14.37 15.56 3.85
CA GLU A 162 -13.35 15.33 4.87
C GLU A 162 -12.29 16.44 4.87
N LEU A 163 -11.93 16.95 3.67
CA LEU A 163 -10.99 18.06 3.54
C LEU A 163 -11.60 19.34 4.09
N LYS A 164 -12.86 19.63 3.73
CA LYS A 164 -13.56 20.83 4.22
C LYS A 164 -13.61 20.89 5.75
N LYS A 165 -13.83 19.73 6.40
CA LYS A 165 -13.88 19.59 7.87
C LYS A 165 -12.57 19.97 8.54
N VAL A 166 -11.44 19.36 8.09
CA VAL A 166 -10.12 19.64 8.68
C VAL A 166 -9.58 21.02 8.36
N ALA A 167 -9.91 21.55 7.18
CA ALA A 167 -9.44 22.86 6.74
C ALA A 167 -10.29 24.03 7.24
N ALA A 168 -11.44 23.75 7.89
CA ALA A 168 -12.32 24.82 8.41
C ALA A 168 -11.59 25.74 9.38
N GLY A 169 -11.65 27.04 9.08
CA GLY A 169 -11.01 28.07 9.89
C GLY A 169 -9.51 28.28 9.65
N LYS A 170 -8.90 27.50 8.75
CA LYS A 170 -7.46 27.60 8.45
C LYS A 170 -7.18 28.67 7.40
N LYS A 171 -5.95 29.22 7.41
CA LYS A 171 -5.54 30.25 6.46
C LYS A 171 -4.71 29.69 5.33
N ARG A 172 -3.88 28.67 5.63
CA ARG A 172 -3.00 28.06 4.63
C ARG A 172 -2.95 26.55 4.83
N VAL A 173 -3.37 25.80 3.81
CA VAL A 173 -3.45 24.33 3.90
C VAL A 173 -2.70 23.67 2.75
N ILE A 174 -1.69 22.85 3.06
CA ILE A 174 -1.00 22.06 2.04
C ILE A 174 -1.75 20.74 2.01
N VAL A 175 -2.16 20.29 0.82
CA VAL A 175 -2.85 19.01 0.71
C VAL A 175 -2.05 18.08 -0.19
N ILE A 176 -1.45 17.06 0.40
CA ILE A 176 -0.68 16.07 -0.34
C ILE A 176 -1.61 14.90 -0.62
N GLY A 177 -2.11 14.84 -1.85
CA GLY A 177 -3.02 13.80 -2.30
C GLY A 177 -2.23 12.64 -2.86
N ILE A 178 -2.31 11.50 -2.19
CA ILE A 178 -1.53 10.31 -2.54
C ILE A 178 -2.40 9.27 -3.24
N SER A 179 -2.05 8.98 -4.50
CA SER A 179 -2.70 7.92 -5.27
C SER A 179 -1.69 7.38 -6.25
N VAL A 180 -1.10 6.22 -5.91
CA VAL A 180 -0.06 5.54 -6.71
C VAL A 180 -0.42 5.47 -8.20
N GLY A 181 -1.63 5.00 -8.50
CA GLY A 181 -2.08 4.88 -9.88
C GLY A 181 -2.70 6.13 -10.47
N LEU A 182 -2.73 7.26 -9.71
CA LEU A 182 -3.41 8.52 -10.08
C LEU A 182 -4.83 8.07 -10.41
N SER A 183 -5.43 7.43 -9.41
CA SER A 183 -6.67 6.69 -9.53
C SER A 183 -7.79 7.05 -8.57
N ALA A 184 -7.50 7.22 -7.28
CA ALA A 184 -8.53 7.40 -6.25
C ALA A 184 -9.45 8.61 -6.38
N PRO A 185 -10.77 8.39 -6.63
CA PRO A 185 -11.71 9.54 -6.72
C PRO A 185 -11.67 10.43 -5.48
N PHE A 186 -11.48 9.83 -4.29
CA PHE A 186 -11.35 10.51 -2.99
C PHE A 186 -10.27 11.60 -3.09
N VAL A 187 -9.15 11.29 -3.75
CA VAL A 187 -8.04 12.22 -3.93
C VAL A 187 -8.36 13.26 -5.03
N ALA A 188 -8.87 12.80 -6.19
CA ALA A 188 -9.21 13.68 -7.32
C ALA A 188 -10.12 14.83 -6.90
N GLY A 189 -11.15 14.51 -6.10
CA GLY A 189 -12.09 15.51 -5.59
C GLY A 189 -11.40 16.56 -4.75
N GLN A 190 -10.46 16.13 -3.89
CA GLN A 190 -9.68 17.04 -3.02
C GLN A 190 -8.77 17.96 -3.81
N MET A 191 -8.04 17.40 -4.78
CA MET A 191 -7.11 18.19 -5.61
C MET A 191 -7.90 19.24 -6.40
N ASP A 192 -9.07 18.86 -6.95
CA ASP A 192 -9.93 19.78 -7.72
C ASP A 192 -10.43 20.94 -6.83
N CYS A 193 -10.88 20.61 -5.59
CA CYS A 193 -11.37 21.66 -4.72
CA CYS A 193 -11.37 21.55 -4.57
C CYS A 193 -10.28 22.56 -4.19
N CYS A 194 -9.04 22.06 -4.03
CA CYS A 194 -7.88 22.87 -3.66
C CYS A 194 -7.63 23.93 -4.73
N MET A 195 -7.69 23.52 -6.01
CA MET A 195 -7.45 24.42 -7.15
C MET A 195 -8.49 25.52 -7.27
N ASN A 196 -9.69 25.30 -6.69
CA ASN A 196 -10.78 26.29 -6.67
C ASN A 196 -10.51 27.40 -5.64
N ASN A 197 -9.54 27.18 -4.73
CA ASN A 197 -9.17 28.18 -3.72
C ASN A 197 -7.67 28.11 -3.44
N THR A 198 -6.86 28.69 -4.35
CA THR A 198 -5.40 28.72 -4.20
C THR A 198 -4.95 29.74 -3.16
N ALA A 199 -5.86 30.67 -2.76
CA ALA A 199 -5.59 31.66 -1.70
C ALA A 199 -5.38 30.95 -0.36
N VAL A 200 -6.01 29.77 -0.20
CA VAL A 200 -5.88 28.94 1.00
C VAL A 200 -5.07 27.67 0.74
N PHE A 201 -5.43 26.93 -0.32
CA PHE A 201 -4.88 25.61 -0.56
C PHE A 201 -3.74 25.51 -1.55
N LEU A 202 -2.80 24.59 -1.26
CA LEU A 202 -1.70 24.25 -2.16
C LEU A 202 -1.76 22.73 -2.35
N PRO A 203 -2.33 22.23 -3.48
CA PRO A 203 -2.41 20.78 -3.65
C PRO A 203 -1.13 20.19 -4.26
N VAL A 204 -0.73 19.01 -3.75
CA VAL A 204 0.43 18.26 -4.25
C VAL A 204 -0.06 16.85 -4.57
N LEU A 205 -0.04 16.47 -5.86
CA LEU A 205 -0.45 15.12 -6.27
C LEU A 205 0.77 14.22 -6.33
N VAL A 206 0.73 13.13 -5.56
CA VAL A 206 1.80 12.13 -5.49
C VAL A 206 1.28 10.83 -6.08
N GLY A 207 1.99 10.35 -7.09
CA GLY A 207 1.62 9.11 -7.77
C GLY A 207 2.77 8.61 -8.59
N PHE A 208 2.60 7.46 -9.23
CA PHE A 208 3.70 6.82 -9.95
C PHE A 208 3.37 6.42 -11.37
N ASN A 209 2.51 7.21 -11.99
CA ASN A 209 2.14 7.06 -13.39
C ASN A 209 2.35 8.38 -14.09
N PRO A 210 2.62 8.36 -15.40
CA PRO A 210 2.60 9.62 -16.16
C PRO A 210 1.16 10.17 -16.07
N VAL A 211 1.00 11.49 -16.11
CA VAL A 211 -0.33 12.13 -16.04
C VAL A 211 -1.31 11.54 -17.08
N SER A 212 -0.80 11.28 -18.30
CA SER A 212 -1.61 10.72 -19.40
C SER A 212 -2.15 9.31 -19.12
N MET A 213 -1.63 8.65 -18.07
CA MET A 213 -2.08 7.32 -17.67
C MET A 213 -2.98 7.34 -16.44
N ALA A 214 -3.28 8.55 -15.89
CA ALA A 214 -4.20 8.68 -14.77
C ALA A 214 -5.56 8.18 -15.25
N ARG A 215 -6.35 7.59 -14.35
CA ARG A 215 -7.67 7.07 -14.71
C ARG A 215 -8.54 8.13 -15.37
N ASN A 216 -9.16 7.76 -16.49
CA ASN A 216 -10.05 8.65 -17.24
C ASN A 216 -11.46 8.07 -17.32
N ASP A 217 -11.77 7.06 -16.49
CA ASP A 217 -13.10 6.49 -16.44
C ASP A 217 -13.96 7.40 -15.55
N PRO A 218 -15.30 7.47 -15.75
CA PRO A 218 -16.12 8.39 -14.94
C PRO A 218 -16.10 8.10 -13.44
N ILE A 219 -16.13 9.17 -12.66
CA ILE A 219 -16.24 9.08 -11.20
C ILE A 219 -17.75 9.24 -10.99
N GLU A 220 -18.37 8.32 -10.25
CA GLU A 220 -19.82 8.31 -10.06
C GLU A 220 -20.43 9.56 -9.49
N ASP A 221 -19.73 10.22 -8.53
CA ASP A 221 -20.24 11.44 -7.90
C ASP A 221 -19.46 12.72 -8.22
N TRP A 222 -18.77 12.76 -9.37
CA TRP A 222 -17.99 13.93 -9.75
C TRP A 222 -18.02 14.11 -11.25
N SER A 223 -17.95 15.37 -11.70
CA SER A 223 -18.02 15.71 -13.12
C SER A 223 -16.67 15.71 -13.84
N SER A 224 -15.57 15.55 -13.09
CA SER A 224 -14.24 15.48 -13.67
C SER A 224 -13.61 14.11 -13.38
N THR A 225 -12.79 13.61 -14.30
CA THR A 225 -12.10 12.34 -14.10
C THR A 225 -10.77 12.65 -13.39
N PHE A 226 -10.05 11.63 -12.91
CA PHE A 226 -8.76 11.84 -12.27
C PHE A 226 -7.79 12.52 -13.24
N ARG A 227 -7.76 12.03 -14.51
CA ARG A 227 -6.89 12.59 -15.55
C ARG A 227 -7.19 14.07 -15.81
N GLN A 228 -8.48 14.45 -15.88
CA GLN A 228 -8.86 15.87 -16.07
C GLN A 228 -8.35 16.72 -14.91
N VAL A 229 -8.46 16.20 -13.67
CA VAL A 229 -7.98 16.90 -12.47
C VAL A 229 -6.44 17.03 -12.54
N ALA A 230 -5.72 15.93 -12.88
CA ALA A 230 -4.25 15.93 -13.01
C ALA A 230 -3.77 16.88 -14.11
N GLU A 231 -4.53 16.99 -15.22
CA GLU A 231 -4.21 17.90 -16.32
C GLU A 231 -4.38 19.37 -15.88
N ARG A 232 -5.40 19.64 -15.04
CA ARG A 232 -5.65 20.98 -14.48
C ARG A 232 -4.50 21.31 -13.51
N MET A 233 -4.00 20.30 -12.76
CA MET A 233 -2.88 20.46 -11.84
C MET A 233 -1.60 20.83 -12.60
N GLN A 234 -1.37 20.23 -13.80
CA GLN A 234 -0.21 20.55 -14.64
C GLN A 234 -0.25 22.03 -15.03
N LYS A 235 -1.45 22.53 -15.38
CA LYS A 235 -1.67 23.94 -15.75
C LYS A 235 -1.40 24.88 -14.58
N MET A 236 -1.87 24.52 -13.37
N MET A 236 -1.88 24.52 -13.37
CA MET A 236 -1.66 25.32 -12.16
CA MET A 236 -1.67 25.30 -12.15
C MET A 236 -0.20 25.29 -11.69
C MET A 236 -0.21 25.30 -11.70
N GLN A 237 0.55 24.22 -12.02
CA GLN A 237 1.97 24.06 -11.68
C GLN A 237 2.83 25.13 -12.36
N GLU A 238 2.44 25.52 -13.59
CA GLU A 238 3.13 26.59 -14.32
C GLU A 238 3.08 27.92 -13.55
N LYS A 239 2.05 28.08 -12.68
CA LYS A 239 1.86 29.25 -11.81
C LYS A 239 2.29 28.97 -10.36
N GLN A 240 2.96 27.81 -10.11
CA GLN A 240 3.39 27.33 -8.78
C GLN A 240 2.23 27.25 -7.77
N LYS A 241 0.99 27.04 -8.27
CA LYS A 241 -0.23 26.95 -7.46
C LYS A 241 -0.66 25.50 -7.19
N ALA A 242 0.07 24.54 -7.76
CA ALA A 242 -0.16 23.09 -7.60
C ALA A 242 1.08 22.35 -8.04
N PHE A 243 1.26 21.11 -7.58
CA PHE A 243 2.43 20.34 -7.98
C PHE A 243 2.05 18.90 -8.27
N VAL A 244 2.64 18.34 -9.33
CA VAL A 244 2.46 16.95 -9.71
C VAL A 244 3.82 16.30 -9.52
N LEU A 245 3.93 15.49 -8.45
CA LEU A 245 5.14 14.79 -8.05
C LEU A 245 4.92 13.32 -8.41
N ASN A 246 5.23 13.00 -9.67
CA ASN A 246 5.01 11.65 -10.19
C ASN A 246 6.27 10.96 -10.73
N PRO A 247 7.19 10.50 -9.85
CA PRO A 247 8.39 9.80 -10.35
C PRO A 247 8.07 8.49 -11.06
N ALA A 248 8.98 8.07 -11.95
CA ALA A 248 8.87 6.81 -12.68
C ALA A 248 9.61 5.75 -11.87
N ILE A 249 8.90 4.68 -11.50
CA ILE A 249 9.45 3.57 -10.73
C ILE A 249 9.27 2.23 -11.45
N GLY A 250 8.38 2.19 -12.44
CA GLY A 250 8.14 0.96 -13.20
C GLY A 250 7.09 0.07 -12.56
N PRO A 251 6.64 -0.98 -13.27
CA PRO A 251 5.59 -1.86 -12.74
C PRO A 251 5.96 -2.66 -11.48
N GLU A 252 4.95 -3.10 -10.72
CA GLU A 252 5.11 -3.88 -9.49
C GLU A 252 5.42 -5.35 -9.84
N GLY A 253 6.07 -6.08 -8.94
CA GLY A 253 6.39 -7.49 -9.09
C GLY A 253 5.16 -8.38 -9.23
N LEU A 254 4.09 -7.97 -8.55
CA LEU A 254 2.76 -8.57 -8.64
C LEU A 254 1.94 -7.43 -9.22
N SER A 255 1.46 -7.58 -10.47
CA SER A 255 0.76 -6.53 -11.22
C SER A 255 -0.30 -5.79 -10.41
N GLY A 256 -0.14 -4.47 -10.31
CA GLY A 256 -1.07 -3.59 -9.61
C GLY A 256 -0.96 -3.58 -8.10
N SER A 257 0.04 -4.29 -7.51
CA SER A 257 0.21 -4.35 -6.06
C SER A 257 0.92 -3.09 -5.57
N SER A 258 0.18 -1.98 -5.64
CA SER A 258 0.59 -0.62 -5.28
C SER A 258 1.20 -0.49 -3.90
N ARG A 259 0.81 -1.39 -2.97
CA ARG A 259 1.35 -1.38 -1.60
C ARG A 259 2.87 -1.60 -1.56
N MET A 260 3.45 -2.26 -2.59
CA MET A 260 4.87 -2.62 -2.60
C MET A 260 5.76 -1.48 -3.05
N LYS A 261 6.17 -1.42 -4.32
CA LYS A 261 7.02 -0.33 -4.84
C LYS A 261 6.38 1.03 -4.65
N GLY A 262 5.11 1.14 -5.01
CA GLY A 262 4.35 2.39 -4.90
C GLY A 262 4.35 2.91 -3.48
N GLY A 263 4.08 2.03 -2.52
CA GLY A 263 4.08 2.37 -1.09
C GLY A 263 5.45 2.75 -0.58
N SER A 264 6.49 1.99 -1.00
CA SER A 264 7.89 2.26 -0.60
C SER A 264 8.36 3.59 -1.14
N ALA A 265 8.07 3.86 -2.43
CA ALA A 265 8.44 5.13 -3.09
C ALA A 265 7.69 6.31 -2.46
N THR A 266 6.39 6.11 -2.08
CA THR A 266 5.61 7.16 -1.41
C THR A 266 6.30 7.52 -0.11
N LYS A 267 6.65 6.49 0.69
CA LYS A 267 7.29 6.65 2.00
C LYS A 267 8.60 7.45 1.90
N ILE A 268 9.52 7.01 1.06
CA ILE A 268 10.82 7.68 0.94
C ILE A 268 10.75 9.09 0.36
N LEU A 269 9.90 9.27 -0.69
CA LEU A 269 9.69 10.56 -1.36
C LEU A 269 9.20 11.61 -0.38
N LEU A 270 8.11 11.27 0.35
CA LEU A 270 7.50 12.18 1.32
C LEU A 270 8.36 12.42 2.54
N GLU A 271 8.97 11.36 3.11
CA GLU A 271 9.86 11.55 4.27
C GLU A 271 11.04 12.44 3.91
N THR A 272 11.63 12.25 2.72
CA THR A 272 12.78 13.03 2.28
C THR A 272 12.43 14.51 2.12
N LEU A 273 11.39 14.83 1.34
CA LEU A 273 11.01 16.23 1.15
C LEU A 273 10.48 16.90 2.42
N LEU A 274 9.73 16.15 3.28
CA LEU A 274 9.22 16.73 4.51
C LEU A 274 10.34 16.98 5.51
N LEU A 275 11.32 16.05 5.58
CA LEU A 275 12.49 16.27 6.44
C LEU A 275 13.26 17.51 5.98
N ALA A 276 13.37 17.72 4.65
CA ALA A 276 14.04 18.88 4.06
C ALA A 276 13.31 20.18 4.41
N ALA A 277 11.96 20.16 4.46
CA ALA A 277 11.17 21.34 4.82
C ALA A 277 11.42 21.71 6.28
N HIS A 278 11.37 20.69 7.17
CA HIS A 278 11.63 20.88 8.60
C HIS A 278 13.08 21.33 8.84
N LYS A 279 14.05 20.77 8.09
CA LYS A 279 15.47 21.16 8.17
C LYS A 279 15.60 22.65 7.83
N THR A 280 14.82 23.16 6.84
CA THR A 280 14.85 24.58 6.45
C THR A 280 14.46 25.48 7.62
N VAL A 281 13.35 25.14 8.30
CA VAL A 281 12.84 25.92 9.44
CA VAL A 281 12.88 25.94 9.43
C VAL A 281 13.77 25.81 10.66
N ASP A 282 14.17 24.59 11.01
CA ASP A 282 14.99 24.34 12.19
C ASP A 282 16.47 24.67 12.11
N GLN A 283 17.14 24.27 11.02
CA GLN A 283 18.58 24.48 10.82
C GLN A 283 18.93 25.69 9.94
N GLY A 284 17.96 26.19 9.18
CA GLY A 284 18.16 27.32 8.27
C GLY A 284 18.82 26.93 6.96
N ILE A 285 18.87 25.61 6.66
CA ILE A 285 19.45 25.06 5.42
C ILE A 285 18.30 24.75 4.47
N ALA A 286 18.24 25.45 3.33
CA ALA A 286 17.19 25.24 2.34
C ALA A 286 17.37 23.91 1.61
N ALA A 287 16.26 23.31 1.15
CA ALA A 287 16.27 22.04 0.43
C ALA A 287 17.10 22.15 -0.86
N SER A 288 17.77 21.06 -1.23
CA SER A 288 18.59 21.03 -2.46
C SER A 288 18.63 19.64 -3.03
N GLN A 289 18.84 19.53 -4.35
CA GLN A 289 18.95 18.26 -5.06
C GLN A 289 20.03 17.38 -4.44
N ARG A 290 21.19 17.96 -4.08
CA ARG A 290 22.32 17.28 -3.45
C ARG A 290 21.94 16.60 -2.14
N CYS A 291 21.31 17.36 -1.20
N CYS A 291 21.31 17.37 -1.21
CA CYS A 291 20.88 16.86 0.10
CA CYS A 291 20.89 16.86 0.10
C CYS A 291 19.74 15.86 0.03
C CYS A 291 19.78 15.84 -0.01
N LEU A 292 18.80 16.06 -0.93
CA LEU A 292 17.68 15.13 -1.16
C LEU A 292 18.24 13.78 -1.61
N LEU A 293 19.26 13.80 -2.51
CA LEU A 293 19.93 12.59 -2.98
C LEU A 293 20.66 11.86 -1.89
N GLU A 294 21.35 12.59 -0.97
CA GLU A 294 22.07 12.01 0.16
C GLU A 294 21.11 11.19 1.04
N ILE A 295 19.91 11.73 1.31
CA ILE A 295 18.89 11.03 2.10
C ILE A 295 18.31 9.84 1.32
N LEU A 296 17.91 10.07 0.06
CA LEU A 296 17.34 8.99 -0.77
C LEU A 296 18.31 7.82 -0.90
N ARG A 297 19.61 8.11 -1.09
CA ARG A 297 20.63 7.08 -1.20
C ARG A 297 20.85 6.31 0.11
N THR A 298 20.48 6.92 1.27
CA THR A 298 20.57 6.24 2.55
C THR A 298 19.49 5.12 2.56
N PHE A 299 18.29 5.45 2.03
CA PHE A 299 17.21 4.47 1.91
C PHE A 299 17.57 3.39 0.88
N GLU A 300 18.36 3.75 -0.15
CA GLU A 300 18.85 2.79 -1.15
C GLU A 300 19.79 1.81 -0.46
N ARG A 301 20.68 2.30 0.42
CA ARG A 301 21.57 1.43 1.18
C ARG A 301 20.73 0.50 2.08
N ALA A 302 19.58 0.99 2.59
CA ALA A 302 18.68 0.17 3.44
C ALA A 302 18.19 -1.07 2.71
N HIS A 303 18.03 -1.00 1.37
CA HIS A 303 17.62 -2.15 0.54
C HIS A 303 18.68 -3.23 0.59
N GLN A 304 19.95 -2.87 0.38
CA GLN A 304 21.05 -3.82 0.42
C GLN A 304 21.15 -4.45 1.81
N VAL A 305 21.01 -3.63 2.88
CA VAL A 305 21.05 -4.06 4.28
C VAL A 305 19.93 -5.09 4.56
N THR A 306 18.71 -4.79 4.07
CA THR A 306 17.54 -5.63 4.28
C THR A 306 17.64 -6.93 3.49
N TYR A 307 17.88 -6.85 2.19
CA TYR A 307 17.94 -8.03 1.34
C TYR A 307 19.16 -8.92 1.50
N SER A 308 20.12 -8.51 2.36
CA SER A 308 21.25 -9.37 2.72
C SER A 308 20.72 -10.50 3.61
N GLN A 309 19.49 -10.32 4.17
CA GLN A 309 18.79 -11.30 5.00
C GLN A 309 17.84 -12.19 4.18
N SER A 310 18.00 -12.19 2.84
CA SER A 310 17.17 -13.00 1.92
C SER A 310 16.95 -14.48 2.35
N PRO A 311 17.97 -15.26 2.80
CA PRO A 311 17.69 -16.66 3.21
C PRO A 311 16.64 -16.78 4.32
N LYS A 312 16.78 -15.96 5.37
CA LYS A 312 15.87 -15.95 6.52
C LYS A 312 14.50 -15.41 6.16
N ILE A 313 14.44 -14.44 5.24
CA ILE A 313 13.15 -13.89 4.76
C ILE A 313 12.40 -15.04 4.10
N ALA A 314 13.09 -15.79 3.24
CA ALA A 314 12.50 -16.95 2.54
C ALA A 314 12.04 -18.02 3.53
N THR A 315 12.85 -18.31 4.56
CA THR A 315 12.48 -19.30 5.59
C THR A 315 11.20 -18.85 6.34
N LEU A 316 11.11 -17.55 6.68
CA LEU A 316 9.93 -16.99 7.37
C LEU A 316 8.70 -17.08 6.50
N MET A 317 8.86 -16.80 5.21
CA MET A 317 7.77 -16.87 4.23
C MET A 317 7.17 -18.29 4.23
N LYS A 318 8.03 -19.33 4.27
CA LYS A 318 7.60 -20.74 4.29
C LYS A 318 6.79 -21.06 5.55
N SER A 319 7.25 -20.55 6.72
CA SER A 319 6.59 -20.74 8.01
C SER A 319 5.20 -20.11 7.99
N VAL A 320 5.10 -18.86 7.48
CA VAL A 320 3.84 -18.12 7.36
C VAL A 320 2.89 -18.86 6.41
N SER A 321 3.41 -19.33 5.26
CA SER A 321 2.60 -20.06 4.29
C SER A 321 2.06 -21.38 4.88
N THR A 322 2.87 -22.07 5.72
CA THR A 322 2.48 -23.32 6.39
C THR A 322 1.29 -23.07 7.34
N SER A 323 1.36 -22.00 8.16
CA SER A 323 0.28 -21.66 9.08
C SER A 323 -1.02 -21.41 8.30
N LEU A 324 -0.94 -20.58 7.24
CA LEU A 324 -2.08 -20.25 6.38
C LEU A 324 -2.70 -21.49 5.74
N GLU A 325 -1.85 -22.38 5.20
CA GLU A 325 -2.27 -23.63 4.55
C GLU A 325 -3.01 -24.57 5.50
N THR A 326 -2.63 -24.53 6.80
CA THR A 326 -3.21 -25.38 7.85
C THR A 326 -4.45 -24.74 8.50
N THR A 327 -4.88 -23.57 8.00
CA THR A 327 -6.01 -22.75 8.48
C THR A 327 -5.66 -21.99 9.77
N GLY A 328 -4.37 -21.83 10.01
CA GLY A 328 -3.85 -21.06 11.14
C GLY A 328 -3.85 -19.59 10.80
N HIS A 329 -3.55 -18.75 11.78
CA HIS A 329 -3.52 -17.31 11.59
C HIS A 329 -2.11 -16.81 11.79
N VAL A 330 -1.80 -15.65 11.20
CA VAL A 330 -0.47 -15.07 11.25
C VAL A 330 -0.57 -13.69 11.89
N TYR A 331 0.20 -13.47 12.95
CA TYR A 331 0.18 -12.21 13.66
C TYR A 331 1.51 -11.51 13.55
N LEU A 332 1.47 -10.22 13.18
CA LEU A 332 2.66 -9.40 13.03
C LEU A 332 2.61 -8.39 14.14
N VAL A 333 3.43 -8.61 15.16
CA VAL A 333 3.43 -7.82 16.38
C VAL A 333 4.62 -6.86 16.40
N GLY A 334 4.35 -5.61 16.06
CA GLY A 334 5.38 -4.58 15.97
C GLY A 334 5.34 -3.54 17.07
N TRP A 335 6.54 -3.15 17.52
CA TRP A 335 6.70 -2.16 18.57
C TRP A 335 6.75 -0.76 17.98
N GLN A 336 6.02 0.17 18.62
CA GLN A 336 5.93 1.59 18.22
C GLN A 336 5.49 1.71 16.75
N THR A 337 6.17 2.53 15.91
CA THR A 337 5.78 2.71 14.50
C THR A 337 5.94 1.45 13.65
N LEU A 338 6.79 0.49 14.09
CA LEU A 338 6.94 -0.78 13.36
C LEU A 338 5.62 -1.56 13.45
N GLY A 339 4.81 -1.21 14.46
CA GLY A 339 3.46 -1.72 14.64
C GLY A 339 2.53 -1.23 13.56
N ILE A 340 2.73 0.03 13.10
CA ILE A 340 1.94 0.63 12.02
C ILE A 340 2.28 -0.09 10.73
N ILE A 341 3.57 -0.34 10.52
CA ILE A 341 4.03 -1.08 9.35
C ILE A 341 3.40 -2.48 9.33
N ALA A 342 3.38 -3.15 10.50
CA ALA A 342 2.77 -4.48 10.67
C ALA A 342 1.27 -4.43 10.31
N ILE A 343 0.55 -3.41 10.81
CA ILE A 343 -0.88 -3.21 10.53
C ILE A 343 -1.12 -3.08 9.03
N MET A 344 -0.30 -2.23 8.36
CA MET A 344 -0.39 -2.00 6.91
C MET A 344 -0.19 -3.28 6.10
N ASP A 345 0.64 -4.20 6.59
CA ASP A 345 0.90 -5.44 5.85
C ASP A 345 -0.27 -6.41 5.77
N GLY A 346 -0.80 -6.79 6.93
CA GLY A 346 -1.87 -7.78 7.03
C GLY A 346 -3.14 -7.46 6.28
N VAL A 347 -3.65 -6.24 6.48
CA VAL A 347 -4.91 -5.75 5.89
C VAL A 347 -4.97 -5.84 4.35
N GLU A 348 -3.83 -5.66 3.69
CA GLU A 348 -3.74 -5.70 2.24
C GLU A 348 -3.92 -7.07 1.65
N CYS A 349 -3.66 -8.14 2.43
CA CYS A 349 -3.86 -9.52 2.00
C CYS A 349 -5.33 -9.81 1.67
N ILE A 350 -6.27 -9.09 2.32
CA ILE A 350 -7.72 -9.29 2.13
C ILE A 350 -8.13 -9.11 0.67
N HIS A 351 -7.88 -7.95 0.06
CA HIS A 351 -8.26 -7.76 -1.35
C HIS A 351 -7.29 -8.40 -2.32
N THR A 352 -5.98 -8.39 -1.99
CA THR A 352 -4.94 -8.90 -2.89
C THR A 352 -5.06 -10.39 -3.18
N PHE A 353 -5.26 -11.20 -2.14
CA PHE A 353 -5.29 -12.66 -2.29
C PHE A 353 -6.59 -13.31 -1.84
N GLY A 354 -7.60 -12.49 -1.57
CA GLY A 354 -8.88 -12.99 -1.09
C GLY A 354 -8.78 -13.57 0.31
N ALA A 355 -7.86 -13.03 1.13
CA ALA A 355 -7.68 -13.52 2.49
C ALA A 355 -8.86 -13.12 3.37
N ASP A 356 -9.08 -13.91 4.44
CA ASP A 356 -10.08 -13.58 5.44
C ASP A 356 -9.41 -12.54 6.32
N PHE A 357 -10.18 -11.65 6.96
CA PHE A 357 -9.64 -10.62 7.85
C PHE A 357 -8.85 -11.25 9.01
N ARG A 358 -9.14 -12.52 9.32
CA ARG A 358 -8.49 -13.25 10.42
C ARG A 358 -7.12 -13.81 10.07
N ASP A 359 -6.82 -13.98 8.77
CA ASP A 359 -5.58 -14.60 8.26
C ASP A 359 -4.28 -13.93 8.68
N VAL A 360 -4.07 -12.65 8.30
CA VAL A 360 -2.82 -11.93 8.62
C VAL A 360 -3.21 -10.61 9.26
N ARG A 361 -2.84 -10.41 10.54
CA ARG A 361 -3.18 -9.18 11.25
C ARG A 361 -1.98 -8.62 11.97
N GLY A 362 -1.78 -7.31 11.81
CA GLY A 362 -0.72 -6.56 12.46
C GLY A 362 -1.21 -5.93 13.74
N PHE A 363 -0.31 -5.81 14.73
CA PHE A 363 -0.61 -5.20 16.02
C PHE A 363 0.47 -4.24 16.41
N LEU A 364 0.08 -3.17 17.08
CA LEU A 364 0.99 -2.14 17.56
C LEU A 364 1.16 -2.29 19.06
N ILE A 365 2.40 -2.53 19.51
CA ILE A 365 2.71 -2.60 20.94
C ILE A 365 3.29 -1.25 21.31
N GLY A 366 2.66 -0.62 22.28
CA GLY A 366 3.05 0.70 22.76
C GLY A 366 1.91 1.69 22.72
N ASP A 367 2.26 2.97 22.87
CA ASP A 367 1.34 4.09 22.94
C ASP A 367 0.86 4.53 21.56
N HIS A 368 -0.47 4.56 21.35
CA HIS A 368 -1.07 5.01 20.09
C HIS A 368 -2.01 6.21 20.35
N SER A 369 -1.92 6.83 21.56
CA SER A 369 -2.80 7.92 22.04
C SER A 369 -2.95 9.17 21.20
N ASP A 370 -1.89 9.62 20.51
CA ASP A 370 -1.95 10.85 19.70
C ASP A 370 -1.83 10.56 18.19
N MET A 371 -2.32 9.39 17.75
CA MET A 371 -2.20 8.99 16.34
C MET A 371 -3.49 9.12 15.53
N PHE A 372 -4.61 8.71 16.12
CA PHE A 372 -5.92 8.69 15.44
C PHE A 372 -6.73 9.96 15.61
N ASN A 373 -7.43 10.37 14.54
CA ASN A 373 -8.31 11.54 14.54
C ASN A 373 -9.58 11.23 15.33
N GLN A 374 -10.22 10.08 15.05
CA GLN A 374 -11.49 9.66 15.67
C GLN A 374 -11.38 8.20 16.15
N LYS A 375 -10.66 7.95 17.26
CA LYS A 375 -10.47 6.60 17.80
C LYS A 375 -11.79 5.90 18.19
N ALA A 376 -12.87 6.69 18.44
CA ALA A 376 -14.22 6.20 18.76
C ALA A 376 -14.77 5.34 17.61
N GLU A 377 -14.35 5.63 16.36
CA GLU A 377 -14.74 4.87 15.17
C GLU A 377 -14.18 3.43 15.22
N LEU A 378 -13.17 3.16 16.08
CA LEU A 378 -12.53 1.86 16.24
C LEU A 378 -12.92 1.11 17.49
N THR A 379 -13.10 1.84 18.62
CA THR A 379 -13.43 1.31 19.95
C THR A 379 -14.65 0.39 19.94
N ASN A 380 -14.44 -0.89 20.34
CA ASN A 380 -15.44 -1.97 20.40
C ASN A 380 -16.31 -2.11 19.13
N GLN A 381 -15.67 -2.09 17.96
CA GLN A 381 -16.36 -2.20 16.67
C GLN A 381 -16.44 -3.62 16.12
N GLY A 382 -15.66 -4.53 16.67
CA GLY A 382 -15.66 -5.92 16.22
C GLY A 382 -14.27 -6.47 15.94
N PRO A 383 -14.19 -7.81 15.67
CA PRO A 383 -12.88 -8.43 15.45
C PRO A 383 -12.12 -7.98 14.19
N GLN A 384 -12.81 -7.33 13.25
CA GLN A 384 -12.21 -6.81 12.01
C GLN A 384 -11.38 -5.55 12.29
N PHE A 385 -11.50 -4.99 13.51
CA PHE A 385 -10.86 -3.73 13.85
C PHE A 385 -9.81 -3.76 14.94
N THR A 386 -9.39 -4.96 15.38
CA THR A 386 -8.34 -5.13 16.40
C THR A 386 -7.00 -4.68 15.83
N PHE A 387 -6.13 -4.08 16.68
CA PHE A 387 -4.80 -3.59 16.26
C PHE A 387 -3.91 -3.24 17.45
N SER A 388 -4.50 -2.95 18.61
CA SER A 388 -3.76 -2.42 19.75
C SER A 388 -3.07 -3.45 20.61
N GLN A 389 -2.24 -2.98 21.55
CA GLN A 389 -1.54 -3.80 22.52
C GLN A 389 -2.60 -4.53 23.37
N GLU A 390 -3.64 -3.80 23.82
CA GLU A 390 -4.75 -4.36 24.59
C GLU A 390 -5.50 -5.39 23.76
N ASP A 391 -5.76 -5.12 22.46
CA ASP A 391 -6.44 -6.06 21.57
C ASP A 391 -5.66 -7.36 21.46
N PHE A 392 -4.34 -7.27 21.21
CA PHE A 392 -3.49 -8.45 21.10
C PHE A 392 -3.48 -9.28 22.39
N LEU A 393 -3.18 -8.64 23.52
CA LEU A 393 -3.07 -9.32 24.82
C LEU A 393 -4.38 -9.87 25.39
N THR A 394 -5.51 -9.16 25.18
CA THR A 394 -6.81 -9.61 25.71
C THR A 394 -7.65 -10.49 24.79
N SER A 395 -7.58 -10.26 23.46
CA SER A 395 -8.40 -11.01 22.50
C SER A 395 -7.67 -12.06 21.68
N ILE A 396 -6.47 -11.75 21.20
CA ILE A 396 -5.71 -12.67 20.36
C ILE A 396 -4.92 -13.69 21.17
N LEU A 397 -4.04 -13.22 22.07
CA LEU A 397 -3.20 -14.08 22.90
C LEU A 397 -3.94 -15.27 23.56
N PRO A 398 -5.09 -15.08 24.27
CA PRO A 398 -5.77 -16.25 24.87
C PRO A 398 -6.31 -17.28 23.87
N SER A 399 -6.57 -16.84 22.62
CA SER A 399 -7.11 -17.68 21.54
C SER A 399 -6.03 -18.35 20.65
N LEU A 400 -4.74 -17.97 20.81
CA LEU A 400 -3.64 -18.52 20.00
C LEU A 400 -3.56 -20.03 20.10
N THR A 401 -3.31 -20.70 18.97
CA THR A 401 -3.14 -22.15 18.91
C THR A 401 -1.78 -22.51 18.32
N GLU A 402 -1.41 -23.79 18.41
CA GLU A 402 -0.15 -24.37 17.94
C GLU A 402 0.09 -24.24 16.43
N ILE A 403 -0.98 -23.99 15.65
CA ILE A 403 -0.88 -23.83 14.19
C ILE A 403 -0.65 -22.37 13.75
N ASP A 404 -0.70 -21.42 14.71
CA ASP A 404 -0.53 -20.00 14.42
C ASP A 404 0.93 -19.57 14.39
N THR A 405 1.24 -18.54 13.62
CA THR A 405 2.58 -17.95 13.50
C THR A 405 2.54 -16.54 14.09
N VAL A 406 3.54 -16.21 14.91
CA VAL A 406 3.65 -14.87 15.46
C VAL A 406 5.02 -14.31 15.14
N VAL A 407 5.05 -13.17 14.42
CA VAL A 407 6.27 -12.49 14.04
C VAL A 407 6.38 -11.23 14.91
N PHE A 408 7.52 -11.07 15.60
CA PHE A 408 7.75 -9.93 16.49
C PHE A 408 8.71 -8.98 15.81
N ILE A 409 8.35 -7.69 15.73
CA ILE A 409 9.20 -6.68 15.10
C ILE A 409 9.51 -5.60 16.12
N PHE A 410 10.79 -5.38 16.42
CA PHE A 410 11.18 -4.41 17.44
C PHE A 410 12.59 -3.93 17.16
N THR A 411 13.05 -2.94 17.96
CA THR A 411 14.43 -2.47 17.88
C THR A 411 15.07 -2.73 19.24
N LEU A 412 16.40 -2.61 19.33
CA LEU A 412 17.10 -2.81 20.60
C LEU A 412 17.01 -1.58 21.52
N ASP A 413 16.22 -0.56 21.09
CA ASP A 413 15.91 0.65 21.87
C ASP A 413 14.49 0.53 22.47
N ASP A 414 13.78 -0.56 22.13
CA ASP A 414 12.46 -0.85 22.68
C ASP A 414 12.59 -1.45 24.09
N ASN A 415 11.45 -1.56 24.81
CA ASN A 415 11.40 -2.15 26.14
C ASN A 415 11.60 -3.66 25.95
N LEU A 416 12.85 -4.13 26.07
CA LEU A 416 13.19 -5.54 25.85
C LEU A 416 12.68 -6.52 26.89
N THR A 417 12.33 -6.03 28.10
CA THR A 417 11.72 -6.85 29.15
C THR A 417 10.28 -7.17 28.69
N GLU A 418 9.56 -6.16 28.17
CA GLU A 418 8.20 -6.27 27.66
C GLU A 418 8.16 -7.21 26.44
N VAL A 419 9.16 -7.07 25.52
CA VAL A 419 9.31 -7.96 24.35
C VAL A 419 9.43 -9.40 24.86
N GLN A 420 10.37 -9.65 25.79
CA GLN A 420 10.58 -10.98 26.35
C GLN A 420 9.30 -11.56 26.99
N THR A 421 8.61 -10.74 27.79
CA THR A 421 7.35 -11.16 28.47
C THR A 421 6.30 -11.60 27.46
N ILE A 422 6.04 -10.78 26.43
CA ILE A 422 5.04 -11.10 25.42
C ILE A 422 5.42 -12.35 24.62
N VAL A 423 6.71 -12.45 24.20
CA VAL A 423 7.21 -13.60 23.45
C VAL A 423 6.99 -14.90 24.25
N GLU A 424 7.35 -14.89 25.55
CA GLU A 424 7.17 -16.04 26.46
C GLU A 424 5.72 -16.47 26.55
N GLN A 425 4.79 -15.51 26.69
CA GLN A 425 3.35 -15.79 26.77
C GLN A 425 2.86 -16.44 25.47
N VAL A 426 3.33 -15.92 24.32
CA VAL A 426 3.00 -16.46 23.00
C VAL A 426 3.58 -17.87 22.81
N LYS A 427 4.85 -18.09 23.24
CA LYS A 427 5.56 -19.37 23.14
C LYS A 427 4.82 -20.52 23.85
N GLU A 428 4.05 -20.22 24.91
CA GLU A 428 3.23 -21.21 25.64
C GLU A 428 2.13 -21.79 24.71
N LYS A 429 1.70 -21.02 23.69
CA LYS A 429 0.64 -21.40 22.78
C LYS A 429 1.15 -21.92 21.44
N THR A 430 2.32 -21.43 20.96
CA THR A 430 2.87 -21.82 19.67
C THR A 430 4.38 -21.73 19.64
N ASN A 431 5.02 -22.65 18.92
CA ASN A 431 6.47 -22.65 18.71
C ASN A 431 6.80 -21.85 17.45
N HIS A 432 5.76 -21.54 16.63
CA HIS A 432 5.96 -20.81 15.38
C HIS A 432 6.14 -19.32 15.64
N ILE A 433 7.28 -19.00 16.23
CA ILE A 433 7.65 -17.62 16.56
C ILE A 433 8.93 -17.25 15.83
N GLN A 434 9.03 -15.98 15.42
N GLN A 434 9.03 -15.98 15.42
CA GLN A 434 10.20 -15.42 14.76
CA GLN A 434 10.20 -15.42 14.76
C GLN A 434 10.25 -13.93 15.05
C GLN A 434 10.25 -13.93 15.05
N ALA A 435 11.45 -13.36 15.03
CA ALA A 435 11.64 -11.94 15.28
C ALA A 435 12.47 -11.29 14.22
N LEU A 436 12.14 -10.03 13.95
CA LEU A 436 12.89 -9.14 13.07
C LEU A 436 13.33 -8.04 14.03
N ALA A 437 14.61 -8.02 14.37
CA ALA A 437 15.15 -7.07 15.32
C ALA A 437 16.15 -6.14 14.68
N HIS A 438 15.88 -4.85 14.81
CA HIS A 438 16.74 -3.79 14.27
C HIS A 438 17.62 -3.31 15.39
N SER A 439 18.92 -3.18 15.11
CA SER A 439 19.86 -2.68 16.10
C SER A 439 20.82 -1.70 15.48
N THR A 440 21.44 -0.90 16.34
CA THR A 440 22.49 0.03 15.94
C THR A 440 23.79 -0.74 16.18
N VAL A 441 24.76 -0.63 15.26
CA VAL A 441 26.08 -1.26 15.40
C VAL A 441 26.60 -0.94 16.82
N GLY A 442 26.98 -1.98 17.55
CA GLY A 442 27.45 -1.86 18.93
C GLY A 442 26.53 -2.55 19.92
N GLN A 443 25.22 -2.54 19.62
CA GLN A 443 24.22 -3.16 20.48
C GLN A 443 24.14 -4.65 20.22
N THR A 444 23.83 -5.44 21.27
CA THR A 444 23.61 -6.88 21.12
C THR A 444 22.29 -7.26 21.75
N LEU A 445 21.64 -8.27 21.19
CA LEU A 445 20.36 -8.74 21.69
C LEU A 445 20.54 -9.41 23.06
N PRO A 446 19.73 -9.07 24.09
CA PRO A 446 19.88 -9.73 25.39
C PRO A 446 19.87 -11.24 25.25
N ILE A 447 20.65 -11.94 26.10
CA ILE A 447 20.77 -13.40 26.09
C ILE A 447 19.40 -14.12 26.12
N PRO A 448 18.42 -13.77 26.99
CA PRO A 448 17.13 -14.48 26.95
C PRO A 448 16.42 -14.43 25.60
N LEU A 449 16.57 -13.30 24.87
CA LEU A 449 15.96 -13.13 23.55
C LEU A 449 16.70 -13.93 22.46
N LYS A 450 18.04 -14.04 22.56
CA LYS A 450 18.85 -14.87 21.65
C LYS A 450 18.42 -16.34 21.82
N LYS A 451 18.16 -16.75 23.07
CA LYS A 451 17.70 -18.12 23.36
C LYS A 451 16.30 -18.38 22.80
N LEU A 452 15.39 -17.38 22.90
CA LEU A 452 14.01 -17.52 22.39
C LEU A 452 13.96 -17.48 20.86
N PHE A 453 14.90 -16.75 20.26
CA PHE A 453 15.00 -16.63 18.81
C PHE A 453 16.39 -17.08 18.33
N PRO A 454 16.67 -18.41 18.26
CA PRO A 454 18.01 -18.85 17.81
C PRO A 454 18.31 -18.60 16.33
N SER A 455 17.29 -18.27 15.51
CA SER A 455 17.50 -17.93 14.10
C SER A 455 16.92 -16.54 13.78
N ILE A 456 16.96 -15.61 14.76
CA ILE A 456 16.45 -14.24 14.63
C ILE A 456 16.93 -13.52 13.35
N ILE A 457 16.03 -12.73 12.74
CA ILE A 457 16.41 -11.92 11.59
C ILE A 457 16.95 -10.64 12.23
N SER A 458 18.28 -10.59 12.39
CA SER A 458 18.95 -9.45 12.98
C SER A 458 19.43 -8.51 11.90
N ILE A 459 18.95 -7.26 11.93
CA ILE A 459 19.36 -6.26 10.95
C ILE A 459 20.12 -5.17 11.69
N THR A 460 21.43 -5.06 11.42
CA THR A 460 22.30 -4.11 12.10
C THR A 460 22.49 -2.86 11.24
N TRP A 461 22.36 -1.69 11.87
CA TRP A 461 22.47 -0.42 11.18
C TRP A 461 23.60 0.42 11.70
N PRO A 462 24.47 0.95 10.81
CA PRO A 462 25.51 1.88 11.28
C PRO A 462 24.85 3.17 11.74
N LEU A 463 25.50 3.89 12.65
CA LEU A 463 24.96 5.19 13.10
C LEU A 463 25.06 6.15 11.92
N LEU A 464 24.09 7.05 11.82
CA LEU A 464 24.06 8.06 10.77
C LEU A 464 24.44 9.37 11.41
N PHE A 465 25.38 10.08 10.80
CA PHE A 465 25.87 11.32 11.38
C PHE A 465 25.27 12.61 10.79
N PHE A 466 24.05 12.52 10.22
CA PHE A 466 23.32 13.70 9.72
C PHE A 466 22.90 14.44 10.98
N GLU A 467 23.46 15.66 11.20
CA GLU A 467 23.20 16.45 12.41
C GLU A 467 21.72 16.61 12.72
N TYR A 468 20.93 17.00 11.71
CA TYR A 468 19.51 17.20 11.90
C TYR A 468 18.66 15.92 11.73
N GLU A 469 18.80 15.25 10.58
CA GLU A 469 18.00 14.11 10.14
C GLU A 469 18.38 12.72 10.67
N GLY A 470 19.59 12.58 11.22
CA GLY A 470 20.15 11.33 11.73
C GLY A 470 19.19 10.36 12.41
N ASN A 471 18.61 10.77 13.55
CA ASN A 471 17.69 9.95 14.33
C ASN A 471 16.38 9.64 13.61
N PHE A 472 15.88 10.60 12.82
CA PHE A 472 14.64 10.42 12.05
C PHE A 472 14.83 9.41 10.94
N ILE A 473 15.94 9.52 10.18
CA ILE A 473 16.25 8.58 9.08
C ILE A 473 16.50 7.20 9.65
N GLN A 474 17.17 7.14 10.83
CA GLN A 474 17.43 5.87 11.52
C GLN A 474 16.09 5.14 11.74
N LYS A 475 15.08 5.86 12.26
CA LYS A 475 13.74 5.32 12.49
C LYS A 475 13.06 4.98 11.16
N PHE A 476 13.08 5.91 10.19
CA PHE A 476 12.43 5.71 8.89
C PHE A 476 12.96 4.53 8.09
N GLN A 477 14.30 4.33 8.09
CA GLN A 477 14.88 3.21 7.34
C GLN A 477 14.53 1.86 7.95
N ARG A 478 14.38 1.80 9.29
CA ARG A 478 13.99 0.59 10.01
C ARG A 478 12.54 0.26 9.69
N GLU A 479 11.67 1.30 9.57
CA GLU A 479 10.27 1.11 9.16
C GLU A 479 10.24 0.60 7.72
N LEU A 480 11.06 1.19 6.85
CA LEU A 480 11.12 0.80 5.44
C LEU A 480 11.61 -0.65 5.29
N SER A 481 12.65 -1.01 6.06
CA SER A 481 13.24 -2.36 6.08
C SER A 481 12.16 -3.37 6.52
N THR A 482 11.44 -3.02 7.59
CA THR A 482 10.33 -3.83 8.11
C THR A 482 9.28 -4.01 7.02
N LYS A 483 8.91 -2.91 6.34
CA LYS A 483 7.92 -2.94 5.26
C LYS A 483 8.31 -3.94 4.17
N TRP A 484 9.55 -3.88 3.69
CA TRP A 484 10.06 -4.79 2.66
C TRP A 484 9.98 -6.24 3.12
N VAL A 485 10.46 -6.50 4.34
CA VAL A 485 10.45 -7.89 4.87
C VAL A 485 9.01 -8.41 4.96
N LEU A 486 8.13 -7.65 5.62
CA LEU A 486 6.75 -8.08 5.82
C LEU A 486 5.96 -8.21 4.52
N ASN A 487 6.13 -7.25 3.59
CA ASN A 487 5.44 -7.30 2.29
C ASN A 487 5.92 -8.47 1.42
N THR A 488 7.23 -8.78 1.45
CA THR A 488 7.77 -9.93 0.71
C THR A 488 7.26 -11.23 1.33
N VAL A 489 7.27 -11.31 2.67
CA VAL A 489 6.78 -12.48 3.41
C VAL A 489 5.29 -12.73 3.13
N SER A 490 4.43 -11.71 3.33
CA SER A 490 2.97 -11.86 3.09
C SER A 490 2.64 -12.14 1.61
N THR A 491 3.28 -11.42 0.67
CA THR A 491 3.04 -11.67 -0.76
C THR A 491 3.46 -13.11 -1.09
N GLY A 492 4.70 -13.45 -0.76
CA GLY A 492 5.27 -14.78 -1.02
C GLY A 492 4.47 -15.92 -0.41
N ALA A 493 4.06 -15.78 0.86
CA ALA A 493 3.28 -16.82 1.54
C ALA A 493 2.01 -17.19 0.79
N HIS A 494 1.32 -16.19 0.19
CA HIS A 494 0.10 -16.41 -0.59
C HIS A 494 0.41 -16.93 -1.99
N VAL A 495 1.52 -16.46 -2.59
CA VAL A 495 1.98 -16.92 -3.91
C VAL A 495 2.27 -18.43 -3.84
N LEU A 496 2.94 -18.86 -2.76
CA LEU A 496 3.26 -20.28 -2.55
C LEU A 496 2.01 -21.15 -2.45
N LEU A 497 0.87 -20.54 -2.10
CA LEU A 497 -0.40 -21.27 -2.00
C LEU A 497 -1.20 -21.31 -3.32
N GLY A 498 -0.60 -20.83 -4.41
CA GLY A 498 -1.22 -20.82 -5.73
C GLY A 498 -2.32 -19.78 -5.87
N LYS A 499 -2.17 -18.63 -5.18
CA LYS A 499 -3.19 -17.57 -5.19
C LYS A 499 -2.98 -16.49 -6.27
N ILE A 500 -2.01 -16.71 -7.18
CA ILE A 500 -1.78 -15.78 -8.30
C ILE A 500 -1.62 -16.59 -9.60
N LEU A 501 -1.61 -15.91 -10.75
CA LEU A 501 -1.36 -16.54 -12.04
C LEU A 501 -0.40 -15.65 -12.81
N GLN A 502 0.77 -16.21 -13.20
CA GLN A 502 1.89 -15.50 -13.83
C GLN A 502 2.31 -14.46 -12.80
N ASN A 503 2.05 -13.17 -13.04
CA ASN A 503 2.28 -12.12 -12.04
C ASN A 503 1.02 -11.28 -11.89
N HIS A 504 -0.16 -11.93 -11.97
CA HIS A 504 -1.46 -11.28 -11.85
C HIS A 504 -2.25 -11.80 -10.66
N MET A 505 -3.02 -10.91 -10.02
CA MET A 505 -3.82 -11.23 -8.83
C MET A 505 -5.09 -12.00 -9.20
N LEU A 506 -4.97 -13.29 -9.52
CA LEU A 506 -6.11 -14.12 -9.89
C LEU A 506 -7.18 -14.24 -8.77
N ASP A 507 -6.72 -14.27 -7.49
CA ASP A 507 -7.60 -14.41 -6.32
C ASP A 507 -8.08 -13.08 -5.69
N LEU A 508 -7.97 -11.98 -6.45
CA LEU A 508 -8.38 -10.64 -6.08
C LEU A 508 -9.87 -10.55 -5.67
N ARG A 509 -10.18 -9.67 -4.70
CA ARG A 509 -11.54 -9.32 -4.27
C ARG A 509 -11.85 -7.98 -4.96
N ILE A 510 -12.98 -7.90 -5.67
CA ILE A 510 -13.39 -6.67 -6.34
C ILE A 510 -13.98 -5.73 -5.28
N SER A 511 -13.08 -4.99 -4.60
CA SER A 511 -13.41 -4.14 -3.46
C SER A 511 -13.56 -2.63 -3.76
N ASN A 512 -13.21 -2.21 -4.97
CA ASN A 512 -13.39 -0.83 -5.47
C ASN A 512 -13.41 -0.84 -6.99
N SER A 513 -13.71 0.31 -7.62
CA SER A 513 -13.79 0.41 -9.08
C SER A 513 -12.49 0.07 -9.79
N LYS A 514 -11.34 0.52 -9.25
CA LYS A 514 -10.03 0.18 -9.85
C LYS A 514 -9.87 -1.34 -9.94
N LEU A 515 -10.26 -2.06 -8.86
CA LEU A 515 -10.16 -3.52 -8.81
C LEU A 515 -11.14 -4.19 -9.78
N PHE A 516 -12.32 -3.58 -9.99
CA PHE A 516 -13.29 -4.06 -10.96
C PHE A 516 -12.67 -4.01 -12.36
N TRP A 517 -12.01 -2.88 -12.72
CA TRP A 517 -11.38 -2.75 -14.03
C TRP A 517 -10.20 -3.68 -14.19
N ARG A 518 -9.46 -3.92 -13.09
CA ARG A 518 -8.32 -4.85 -13.11
C ARG A 518 -8.83 -6.28 -13.36
N ALA A 519 -9.95 -6.64 -12.73
CA ALA A 519 -10.56 -7.96 -12.87
C ALA A 519 -11.03 -8.16 -14.32
N LEU A 520 -11.64 -7.12 -14.93
CA LEU A 520 -12.11 -7.20 -16.32
C LEU A 520 -10.95 -7.39 -17.27
N ALA A 521 -9.86 -6.61 -17.09
CA ALA A 521 -8.65 -6.67 -17.90
C ALA A 521 -7.99 -8.04 -17.83
N MET A 522 -8.00 -8.66 -16.63
CA MET A 522 -7.44 -10.00 -16.40
C MET A 522 -8.19 -11.07 -17.19
N LEU A 523 -9.51 -10.92 -17.29
CA LEU A 523 -10.36 -11.84 -18.06
C LEU A 523 -10.06 -11.73 -19.54
N GLN A 524 -9.90 -10.50 -20.04
CA GLN A 524 -9.56 -10.25 -21.44
C GLN A 524 -8.18 -10.82 -21.75
N ARG A 525 -7.22 -10.63 -20.82
CA ARG A 525 -5.84 -11.10 -20.95
C ARG A 525 -5.74 -12.63 -20.94
N PHE A 526 -6.40 -13.28 -19.98
CA PHE A 526 -6.32 -14.74 -19.85
C PHE A 526 -7.23 -15.58 -20.73
N SER A 527 -8.34 -15.03 -21.22
CA SER A 527 -9.24 -15.78 -22.11
C SER A 527 -9.05 -15.42 -23.58
N GLY A 528 -8.64 -14.17 -23.84
CA GLY A 528 -8.47 -13.66 -25.20
C GLY A 528 -9.78 -13.39 -25.90
N GLN A 529 -10.89 -13.50 -25.16
CA GLN A 529 -12.23 -13.29 -25.69
C GLN A 529 -12.61 -11.82 -25.66
N SER A 530 -13.64 -11.46 -26.44
CA SER A 530 -14.13 -10.10 -26.61
C SER A 530 -14.49 -9.40 -25.32
N LYS A 531 -14.42 -8.06 -25.33
CA LYS A 531 -14.79 -7.22 -24.19
C LYS A 531 -16.25 -7.48 -23.76
N ALA A 532 -17.19 -7.67 -24.72
CA ALA A 532 -18.60 -7.96 -24.40
C ALA A 532 -18.75 -9.29 -23.65
N ARG A 533 -18.00 -10.32 -24.07
CA ARG A 533 -18.02 -11.64 -23.45
C ARG A 533 -17.40 -11.62 -22.06
N CYS A 534 -16.29 -10.87 -21.89
CA CYS A 534 -15.63 -10.76 -20.58
C CYS A 534 -16.48 -9.98 -19.58
N ILE A 535 -17.13 -8.87 -20.02
CA ILE A 535 -18.01 -8.07 -19.15
C ILE A 535 -19.17 -8.95 -18.68
N GLU A 536 -19.81 -9.69 -19.63
CA GLU A 536 -20.95 -10.56 -19.35
C GLU A 536 -20.57 -11.61 -18.31
N SER A 537 -19.42 -12.29 -18.49
CA SER A 537 -18.96 -13.32 -17.55
C SER A 537 -18.62 -12.74 -16.20
N LEU A 538 -17.97 -11.56 -16.15
CA LEU A 538 -17.63 -10.92 -14.87
C LEU A 538 -18.91 -10.55 -14.09
N LEU A 539 -19.87 -9.91 -14.76
CA LEU A 539 -21.13 -9.52 -14.10
C LEU A 539 -21.94 -10.73 -13.64
N ARG A 540 -21.96 -11.81 -14.44
CA ARG A 540 -22.66 -13.05 -14.11
C ARG A 540 -22.05 -13.67 -12.87
N ALA A 541 -20.70 -13.70 -12.79
CA ALA A 541 -19.98 -14.26 -11.63
C ALA A 541 -20.17 -13.43 -10.38
N ILE A 542 -20.17 -12.08 -10.52
CA ILE A 542 -20.37 -11.18 -9.36
C ILE A 542 -21.77 -11.37 -8.75
N HIS A 543 -22.81 -11.31 -9.60
CA HIS A 543 -24.21 -11.32 -9.17
C HIS A 543 -24.83 -12.67 -8.88
N PHE A 544 -24.17 -13.77 -9.30
CA PHE A 544 -24.66 -15.14 -9.06
C PHE A 544 -25.06 -15.35 -7.58
N PRO A 545 -26.22 -15.98 -7.26
CA PRO A 545 -27.19 -16.64 -8.16
C PRO A 545 -28.19 -15.76 -8.91
N GLN A 546 -28.13 -14.43 -8.70
CA GLN A 546 -29.00 -13.50 -9.42
C GLN A 546 -28.61 -13.52 -10.90
N PRO A 547 -29.52 -13.90 -11.81
CA PRO A 547 -29.17 -13.90 -13.24
C PRO A 547 -28.98 -12.47 -13.77
N LEU A 548 -28.27 -12.32 -14.87
CA LEU A 548 -28.08 -10.99 -15.47
C LEU A 548 -29.32 -10.49 -16.15
N SER A 549 -29.63 -9.23 -15.91
CA SER A 549 -30.74 -8.49 -16.49
C SER A 549 -30.15 -7.21 -17.07
N ASP A 550 -30.92 -6.47 -17.89
CA ASP A 550 -30.50 -5.21 -18.48
C ASP A 550 -30.22 -4.15 -17.41
N ASP A 551 -30.97 -4.18 -16.29
CA ASP A 551 -30.77 -3.28 -15.14
C ASP A 551 -29.40 -3.52 -14.48
N ILE A 552 -28.98 -4.79 -14.36
CA ILE A 552 -27.68 -5.14 -13.78
C ILE A 552 -26.54 -4.72 -14.73
N ARG A 553 -26.70 -4.98 -16.04
CA ARG A 553 -25.72 -4.60 -17.07
C ARG A 553 -25.51 -3.09 -17.09
N ALA A 554 -26.58 -2.31 -16.83
CA ALA A 554 -26.56 -0.84 -16.84
C ALA A 554 -26.30 -0.20 -15.46
N ALA A 555 -26.19 -1.03 -14.41
CA ALA A 555 -25.96 -0.55 -13.04
C ALA A 555 -24.61 0.17 -12.89
N PRO A 556 -24.46 1.13 -11.94
CA PRO A 556 -23.14 1.76 -11.74
C PRO A 556 -22.15 0.72 -11.22
N ILE A 557 -20.85 0.94 -11.44
CA ILE A 557 -19.78 0.04 -10.98
C ILE A 557 -19.83 -0.20 -9.46
N SER A 558 -20.26 0.83 -8.69
CA SER A 558 -20.43 0.73 -7.24
C SER A 558 -21.38 -0.41 -6.83
N CYS A 559 -22.41 -0.69 -7.66
CA CYS A 559 -23.36 -1.78 -7.43
C CYS A 559 -22.65 -3.13 -7.54
N HIS A 560 -21.83 -3.32 -8.59
CA HIS A 560 -21.06 -4.54 -8.80
C HIS A 560 -20.05 -4.74 -7.67
N VAL A 561 -19.36 -3.66 -7.28
CA VAL A 561 -18.38 -3.67 -6.18
C VAL A 561 -19.02 -4.11 -4.85
N GLN A 562 -20.17 -3.50 -4.51
CA GLN A 562 -20.92 -3.82 -3.28
C GLN A 562 -21.29 -5.31 -3.20
N VAL A 563 -21.70 -5.91 -4.33
CA VAL A 563 -22.07 -7.32 -4.42
C VAL A 563 -20.79 -8.20 -4.43
N ALA A 564 -19.77 -7.81 -5.21
CA ALA A 564 -18.51 -8.55 -5.38
C ALA A 564 -17.54 -8.59 -4.19
N HIS A 565 -17.44 -7.48 -3.42
CA HIS A 565 -16.46 -7.31 -2.35
C HIS A 565 -16.28 -8.42 -1.31
N GLU A 566 -17.36 -9.11 -0.91
CA GLU A 566 -17.23 -10.19 0.09
C GLU A 566 -17.09 -11.57 -0.52
N LYS A 567 -17.17 -11.65 -1.87
CA LYS A 567 -17.09 -12.90 -2.63
C LYS A 567 -15.66 -13.30 -2.94
N GLU A 568 -15.42 -14.62 -2.95
CA GLU A 568 -14.12 -15.17 -3.24
C GLU A 568 -14.08 -15.75 -4.63
N GLN A 569 -12.89 -15.74 -5.23
CA GLN A 569 -12.55 -16.35 -6.52
C GLN A 569 -13.44 -15.93 -7.69
N VAL A 570 -13.89 -14.66 -7.71
CA VAL A 570 -14.74 -14.15 -8.80
C VAL A 570 -14.04 -14.26 -10.16
N ILE A 571 -12.75 -13.88 -10.25
CA ILE A 571 -12.01 -13.95 -11.52
C ILE A 571 -11.88 -15.38 -12.04
N PRO A 572 -11.35 -16.38 -11.27
CA PRO A 572 -11.25 -17.75 -11.83
C PRO A 572 -12.60 -18.35 -12.18
N ILE A 573 -13.67 -18.03 -11.42
CA ILE A 573 -15.03 -18.51 -11.76
C ILE A 573 -15.44 -17.91 -13.11
N ALA A 574 -15.32 -16.56 -13.27
CA ALA A 574 -15.65 -15.89 -14.52
C ALA A 574 -14.77 -16.36 -15.68
N LEU A 575 -13.49 -16.63 -15.39
CA LEU A 575 -12.51 -17.10 -16.38
C LEU A 575 -12.81 -18.53 -16.86
N LEU A 576 -13.04 -19.47 -15.91
CA LEU A 576 -13.37 -20.86 -16.25
C LEU A 576 -14.68 -20.93 -17.03
N SER A 577 -15.63 -20.02 -16.72
CA SER A 577 -16.91 -19.91 -17.43
C SER A 577 -16.66 -19.52 -18.90
N LEU A 578 -15.67 -18.63 -19.15
CA LEU A 578 -15.31 -18.20 -20.51
C LEU A 578 -14.54 -19.32 -21.25
N LEU A 579 -13.53 -19.91 -20.60
CA LEU A 579 -12.67 -20.97 -21.17
C LEU A 579 -13.40 -22.26 -21.50
N PHE A 580 -14.36 -22.68 -20.65
CA PHE A 580 -15.11 -23.92 -20.86
C PHE A 580 -16.51 -23.70 -21.43
N ARG A 581 -16.94 -22.41 -21.57
CA ARG A 581 -18.27 -22.03 -22.05
C ARG A 581 -19.32 -22.78 -21.21
N CYS A 582 -19.14 -22.70 -19.87
CA CYS A 582 -19.96 -23.40 -18.89
C CYS A 582 -20.70 -22.45 -17.95
N SER A 583 -21.59 -23.02 -17.12
CA SER A 583 -22.36 -22.26 -16.13
C SER A 583 -21.45 -21.93 -14.94
N ILE A 584 -21.91 -21.06 -14.03
CA ILE A 584 -21.18 -20.73 -12.82
C ILE A 584 -21.03 -21.98 -11.94
N THR A 585 -22.11 -22.78 -11.78
CA THR A 585 -22.08 -24.01 -10.96
C THR A 585 -21.04 -25.02 -11.47
N GLU A 586 -20.92 -25.15 -12.81
CA GLU A 586 -19.94 -26.03 -13.45
C GLU A 586 -18.52 -25.47 -13.21
N ALA A 587 -18.35 -24.14 -13.31
CA ALA A 587 -17.08 -23.46 -13.06
C ALA A 587 -16.65 -23.63 -11.59
N GLN A 588 -17.61 -23.53 -10.64
CA GLN A 588 -17.40 -23.71 -9.20
C GLN A 588 -16.95 -25.15 -8.89
N ALA A 589 -17.54 -26.13 -9.61
CA ALA A 589 -17.20 -27.55 -9.47
C ALA A 589 -15.77 -27.80 -9.93
N HIS A 590 -15.39 -27.26 -11.13
CA HIS A 590 -14.04 -27.34 -11.72
C HIS A 590 -12.99 -26.82 -10.72
N LEU A 591 -13.26 -25.64 -10.13
CA LEU A 591 -12.42 -24.95 -9.16
C LEU A 591 -12.28 -25.70 -7.83
N ALA A 592 -13.38 -26.31 -7.34
CA ALA A 592 -13.40 -27.09 -6.10
C ALA A 592 -12.56 -28.37 -6.19
N ALA A 593 -12.48 -28.96 -7.40
CA ALA A 593 -11.73 -30.18 -7.68
C ALA A 593 -10.21 -29.96 -7.78
N ALA A 594 -9.77 -28.70 -7.97
CA ALA A 594 -8.37 -28.33 -8.14
C ALA A 594 -7.64 -28.04 -6.80
N PRO A 595 -6.30 -28.28 -6.72
CA PRO A 595 -5.58 -28.00 -5.45
C PRO A 595 -5.42 -26.51 -5.15
N SER A 596 -5.42 -25.66 -6.20
CA SER A 596 -5.29 -24.21 -6.08
C SER A 596 -6.01 -23.49 -7.23
N VAL A 597 -6.17 -22.18 -7.08
CA VAL A 597 -6.80 -21.31 -8.07
C VAL A 597 -5.85 -21.18 -9.30
N CYS A 598 -4.52 -21.17 -9.06
CA CYS A 598 -3.48 -21.10 -10.10
C CYS A 598 -3.55 -22.36 -10.99
N GLU A 599 -3.56 -23.57 -10.37
CA GLU A 599 -3.61 -24.85 -11.08
C GLU A 599 -4.91 -25.11 -11.84
N ALA A 600 -6.06 -24.66 -11.30
CA ALA A 600 -7.37 -24.81 -11.94
C ALA A 600 -7.38 -24.11 -13.30
N VAL A 601 -6.89 -22.85 -13.33
CA VAL A 601 -6.83 -22.04 -14.55
C VAL A 601 -5.73 -22.55 -15.50
N ARG A 602 -4.55 -22.93 -14.96
CA ARG A 602 -3.45 -23.47 -15.78
C ARG A 602 -3.89 -24.73 -16.53
N SER A 603 -4.65 -25.62 -15.84
CA SER A 603 -5.20 -26.85 -16.41
C SER A 603 -6.23 -26.55 -17.51
N ALA A 604 -6.99 -25.44 -17.33
CA ALA A 604 -7.99 -24.98 -18.29
C ALA A 604 -7.33 -24.33 -19.50
N LEU A 605 -6.22 -23.59 -19.29
CA LEU A 605 -5.48 -22.91 -20.36
C LEU A 605 -4.65 -23.92 -21.16
#